data_4H39
#
_entry.id   4H39
#
_cell.length_a   63.206
_cell.length_b   83.711
_cell.length_c   83.917
_cell.angle_alpha   90.00
_cell.angle_beta   90.00
_cell.angle_gamma   90.00
#
_symmetry.space_group_name_H-M   'P 21 21 21'
#
loop_
_entity.id
_entity.type
_entity.pdbx_description
1 polymer 'Mitogen-activated protein kinase 10'
2 polymer 'C-Jun-amino-terminal kinase-interacting protein 1'
3 water water
#
loop_
_entity_poly.entity_id
_entity_poly.type
_entity_poly.pdbx_seq_one_letter_code
_entity_poly.pdbx_strand_id
1 'polypeptide(L)'
;DNQFYSVEVGDSTFTVLKRYQNLKPIGSGAQGIVCAAYDAVLDRNVAIKKLSRPFQNQTHAKRAYRELVLMKCVNHKNII
SLLNVFTPQKTLEEFQDVYLVMELMDANLCQVIQMELDHERMSYLLYQMLCGIKHLHSAGIIHRDLKPSNIVVKSDCTLK
ILDFGLARTAGTSFMMTPYVVTRYYRAPEVILGMGYKENVDIWSVGCIMGEMVRHKILFPGRDYIDQWNKVIEQLGTPCP
EFMKKLQPTVRNYVENRPKYAGLTFPKLFPDSLFPADSEHNKLKASQARDLLSKMLVIDPAKRISVDDALQHPYINVWYD
PAEVEAPPPQIYDKQLDEREHTIEEWKELIYKEVMN
;
A
2 'polypeptide(L)' PKRPTTLNLF B
#
# COMPACT_ATOMS: atom_id res chain seq x y z
N ASP A 1 18.26 -11.82 -27.95
CA ASP A 1 17.84 -11.82 -29.35
C ASP A 1 17.58 -10.41 -29.88
N ASN A 2 18.34 -10.01 -30.90
CA ASN A 2 18.22 -8.71 -31.56
C ASN A 2 17.74 -7.54 -30.68
N GLN A 3 16.48 -7.57 -30.29
CA GLN A 3 15.92 -6.51 -29.44
C GLN A 3 16.31 -6.70 -27.98
N PHE A 4 16.85 -7.86 -27.66
CA PHE A 4 17.16 -8.21 -26.28
C PHE A 4 18.65 -8.45 -26.05
N TYR A 5 19.06 -8.39 -24.78
CA TYR A 5 20.40 -8.81 -24.37
C TYR A 5 20.29 -9.42 -22.98
N SER A 6 21.29 -10.20 -22.60
CA SER A 6 21.20 -10.94 -21.33
C SER A 6 22.17 -10.43 -20.26
N VAL A 7 21.71 -10.47 -19.02
CA VAL A 7 22.51 -10.07 -17.88
C VAL A 7 22.40 -11.14 -16.80
N GLU A 8 23.55 -11.63 -16.33
CA GLU A 8 23.53 -12.59 -15.22
C GLU A 8 23.38 -11.84 -13.91
N VAL A 9 22.33 -12.17 -13.17
CA VAL A 9 22.06 -11.58 -11.86
C VAL A 9 22.09 -12.71 -10.84
N GLY A 10 23.24 -12.92 -10.21
CA GLY A 10 23.42 -14.10 -9.38
C GLY A 10 23.19 -15.33 -10.23
N ASP A 11 22.36 -16.25 -9.73
CA ASP A 11 22.05 -17.47 -10.47
C ASP A 11 20.90 -17.27 -11.46
N SER A 12 20.45 -16.04 -11.60
CA SER A 12 19.33 -15.74 -12.50
C SER A 12 19.80 -15.02 -13.75
N THR A 13 19.18 -15.37 -14.88
CA THR A 13 19.47 -14.71 -16.15
C THR A 13 18.36 -13.73 -16.52
N PHE A 14 18.67 -12.44 -16.53
CA PHE A 14 17.72 -11.44 -17.00
C PHE A 14 17.92 -11.18 -18.48
N THR A 15 16.91 -11.52 -19.28
CA THR A 15 16.93 -11.20 -20.70
C THR A 15 15.93 -10.08 -20.94
N VAL A 16 16.44 -8.88 -21.23
CA VAL A 16 15.60 -7.69 -21.29
C VAL A 16 15.84 -6.86 -22.54
N LEU A 17 14.88 -6.00 -22.87
CA LEU A 17 15.02 -5.08 -24.00
C LEU A 17 16.26 -4.22 -23.80
N LYS A 18 16.93 -3.87 -24.90
CA LYS A 18 18.18 -3.12 -24.81
C LYS A 18 18.01 -1.72 -24.22
N ARG A 19 16.77 -1.25 -24.14
CA ARG A 19 16.51 0.06 -23.54
C ARG A 19 16.80 0.07 -22.04
N TYR A 20 16.79 -1.12 -21.43
CA TYR A 20 17.04 -1.23 -19.99
C TYR A 20 18.49 -1.58 -19.71
N GLN A 21 19.19 -0.67 -19.05
CA GLN A 21 20.63 -0.82 -18.81
CA GLN A 21 20.62 -0.82 -18.80
C GLN A 21 20.95 -0.64 -17.33
N ASN A 22 22.18 -0.93 -16.95
CA ASN A 22 22.64 -0.71 -15.59
C ASN A 22 21.87 -1.50 -14.53
N LEU A 23 21.49 -2.73 -14.88
CA LEU A 23 20.71 -3.55 -13.96
C LEU A 23 21.50 -3.91 -12.71
N LYS A 24 20.81 -3.96 -11.59
CA LYS A 24 21.38 -4.51 -10.36
C LYS A 24 20.28 -4.88 -9.39
N PRO A 25 20.41 -6.08 -8.77
CA PRO A 25 19.36 -6.66 -7.93
C PRO A 25 19.09 -5.81 -6.68
N ILE A 26 17.81 -5.59 -6.38
CA ILE A 26 17.43 -4.83 -5.18
C ILE A 26 16.41 -5.58 -4.34
N GLY A 27 15.91 -6.69 -4.88
CA GLY A 27 14.97 -7.53 -4.16
C GLY A 27 14.87 -8.91 -4.80
N SER A 28 14.42 -9.89 -4.02
CA SER A 28 14.32 -11.26 -4.52
C SER A 28 13.20 -12.06 -3.84
N GLY A 29 12.54 -12.90 -4.63
CA GLY A 29 11.49 -13.77 -4.12
C GLY A 29 11.99 -15.19 -3.96
N ALA A 30 11.11 -16.13 -3.63
CA ALA A 30 9.66 -15.93 -3.44
C ALA A 30 8.90 -15.66 -4.74
N GLN A 31 8.29 -14.48 -4.84
CA GLN A 31 7.46 -14.16 -6.00
C GLN A 31 8.28 -13.81 -7.23
N GLY A 32 9.52 -13.37 -7.02
CA GLY A 32 10.38 -13.01 -8.13
C GLY A 32 11.63 -12.24 -7.76
N ILE A 33 12.38 -11.82 -8.77
CA ILE A 33 13.61 -11.05 -8.55
C ILE A 33 13.46 -9.66 -9.16
N VAL A 34 13.89 -8.65 -8.42
CA VAL A 34 13.74 -7.26 -8.87
C VAL A 34 15.09 -6.59 -9.08
N CYS A 35 15.26 -5.94 -10.23
CA CYS A 35 16.46 -5.16 -10.52
C CYS A 35 16.14 -3.69 -10.72
N ALA A 36 16.91 -2.82 -10.09
CA ALA A 36 16.88 -1.41 -10.45
C ALA A 36 17.51 -1.30 -11.83
N ALA A 37 17.00 -0.39 -12.66
CA ALA A 37 17.55 -0.23 -14.00
C ALA A 37 17.31 1.18 -14.56
N TYR A 38 18.12 1.54 -15.55
CA TYR A 38 17.92 2.79 -16.27
C TYR A 38 17.24 2.53 -17.60
N ASP A 39 16.13 3.21 -17.83
CA ASP A 39 15.42 3.12 -19.09
C ASP A 39 15.87 4.25 -20.00
N ALA A 40 16.65 3.92 -21.02
CA ALA A 40 17.24 4.93 -21.91
C ALA A 40 16.23 5.57 -22.85
N VAL A 41 15.09 4.92 -23.05
CA VAL A 41 14.05 5.48 -23.90
C VAL A 41 13.26 6.56 -23.17
N LEU A 42 12.94 6.30 -21.91
CA LEU A 42 12.19 7.26 -21.10
C LEU A 42 13.10 8.21 -20.35
N ASP A 43 14.40 7.93 -20.39
CA ASP A 43 15.37 8.65 -19.57
C ASP A 43 14.90 8.69 -18.11
N ARG A 44 14.52 7.52 -17.59
CA ARG A 44 14.03 7.42 -16.23
C ARG A 44 14.51 6.13 -15.57
N ASN A 45 14.54 6.13 -14.24
CA ASN A 45 14.91 4.94 -13.48
C ASN A 45 13.69 4.05 -13.25
N VAL A 46 13.86 2.76 -13.46
CA VAL A 46 12.76 1.82 -13.35
C VAL A 46 13.12 0.60 -12.51
N ALA A 47 12.11 -0.13 -12.07
CA ALA A 47 12.31 -1.41 -11.41
C ALA A 47 11.81 -2.49 -12.35
N ILE A 48 12.60 -3.53 -12.51
CA ILE A 48 12.22 -4.64 -13.39
C ILE A 48 12.07 -5.92 -12.58
N LYS A 49 10.84 -6.43 -12.50
CA LYS A 49 10.57 -7.66 -11.77
C LYS A 49 10.40 -8.84 -12.71
N LYS A 50 11.25 -9.86 -12.54
CA LYS A 50 11.09 -11.10 -13.28
C LYS A 50 10.29 -12.07 -12.42
N LEU A 51 9.13 -12.49 -12.92
CA LEU A 51 8.28 -13.42 -12.16
C LEU A 51 8.98 -14.75 -11.96
N SER A 52 8.94 -15.25 -10.73
CA SER A 52 9.53 -16.54 -10.42
C SER A 52 8.55 -17.68 -10.67
N ARG A 53 8.89 -18.53 -11.63
CA ARG A 53 8.12 -19.74 -11.92
C ARG A 53 6.61 -19.50 -11.96
N PRO A 54 6.17 -18.59 -12.84
CA PRO A 54 4.74 -18.26 -12.93
C PRO A 54 3.89 -19.43 -13.40
N PHE A 55 4.51 -20.42 -14.05
CA PHE A 55 3.75 -21.54 -14.60
C PHE A 55 4.05 -22.87 -13.91
N GLN A 56 4.68 -22.80 -12.74
CA GLN A 56 4.99 -24.02 -11.98
C GLN A 56 3.72 -24.80 -11.65
N ASN A 57 2.69 -24.08 -11.24
CA ASN A 57 1.41 -24.70 -10.88
C ASN A 57 0.26 -23.70 -11.02
N GLN A 58 -0.97 -24.17 -10.81
CA GLN A 58 -2.14 -23.32 -10.99
C GLN A 58 -2.13 -22.11 -10.06
N THR A 59 -1.65 -22.32 -8.83
CA THR A 59 -1.57 -21.22 -7.88
C THR A 59 -0.67 -20.09 -8.38
N HIS A 60 0.52 -20.44 -8.85
CA HIS A 60 1.45 -19.45 -9.37
C HIS A 60 0.88 -18.74 -10.59
N ALA A 61 0.28 -19.53 -11.49
CA ALA A 61 -0.24 -18.98 -12.73
C ALA A 61 -1.38 -18.00 -12.48
N LYS A 62 -2.35 -18.40 -11.66
CA LYS A 62 -3.47 -17.53 -11.32
C LYS A 62 -2.97 -16.22 -10.71
N ARG A 63 -2.03 -16.33 -9.77
CA ARG A 63 -1.47 -15.17 -9.09
C ARG A 63 -0.83 -14.20 -10.08
N ALA A 64 -0.06 -14.75 -11.02
CA ALA A 64 0.59 -13.93 -12.04
C ALA A 64 -0.45 -13.19 -12.88
N TYR A 65 -1.47 -13.90 -13.33
CA TYR A 65 -2.51 -13.28 -14.13
C TYR A 65 -3.20 -12.17 -13.34
N ARG A 66 -3.49 -12.45 -12.08
CA ARG A 66 -4.22 -11.53 -11.23
C ARG A 66 -3.47 -10.22 -11.04
N GLU A 67 -2.16 -10.32 -10.79
CA GLU A 67 -1.31 -9.14 -10.65
C GLU A 67 -1.38 -8.29 -11.91
N LEU A 68 -1.37 -8.95 -13.07
CA LEU A 68 -1.42 -8.25 -14.35
C LEU A 68 -2.74 -7.49 -14.54
N VAL A 69 -3.86 -8.11 -14.20
CA VAL A 69 -5.15 -7.46 -14.37
C VAL A 69 -5.35 -6.33 -13.35
N LEU A 70 -4.85 -6.55 -12.13
CA LEU A 70 -4.94 -5.53 -11.10
C LEU A 70 -4.21 -4.27 -11.54
N MET A 71 -3.06 -4.43 -12.18
CA MET A 71 -2.27 -3.30 -12.65
C MET A 71 -2.97 -2.54 -13.76
N LYS A 72 -3.79 -3.26 -14.52
CA LYS A 72 -4.53 -2.64 -15.62
C LYS A 72 -5.77 -1.90 -15.11
N CYS A 73 -6.19 -2.20 -13.88
CA CYS A 73 -7.34 -1.52 -13.28
C CYS A 73 -6.99 -0.14 -12.75
N VAL A 74 -5.70 0.13 -12.65
CA VAL A 74 -5.23 1.36 -12.01
C VAL A 74 -4.44 2.27 -12.95
N ASN A 75 -4.71 3.57 -12.84
CA ASN A 75 -3.96 4.59 -13.56
C ASN A 75 -4.01 5.90 -12.79
N HIS A 76 -3.11 6.06 -11.82
CA HIS A 76 -3.11 7.22 -10.94
C HIS A 76 -1.69 7.46 -10.46
N LYS A 77 -1.32 8.73 -10.31
CA LYS A 77 0.06 9.08 -10.00
C LYS A 77 0.48 8.72 -8.57
N ASN A 78 -0.48 8.44 -7.70
CA ASN A 78 -0.18 8.05 -6.33
C ASN A 78 -0.20 6.54 -6.13
N ILE A 79 -0.18 5.81 -7.24
CA ILE A 79 -0.13 4.35 -7.23
C ILE A 79 0.93 3.88 -8.23
N ILE A 80 1.72 2.89 -7.84
CA ILE A 80 2.71 2.33 -8.75
C ILE A 80 2.01 1.83 -10.00
N SER A 81 2.60 2.09 -11.17
CA SER A 81 1.98 1.66 -12.41
C SER A 81 2.87 0.71 -13.18
N LEU A 82 2.27 0.01 -14.13
CA LEU A 82 3.03 -0.88 -15.01
C LEU A 82 3.45 -0.10 -16.24
N LEU A 83 4.71 0.32 -16.27
CA LEU A 83 5.22 1.08 -17.40
C LEU A 83 5.34 0.20 -18.64
N ASN A 84 5.61 -1.09 -18.42
CA ASN A 84 5.81 -2.02 -19.51
C ASN A 84 5.73 -3.45 -19.00
N VAL A 85 5.40 -4.37 -19.90
CA VAL A 85 5.46 -5.80 -19.61
C VAL A 85 5.92 -6.50 -20.87
N PHE A 86 6.88 -7.41 -20.73
CA PHE A 86 7.42 -8.08 -21.91
C PHE A 86 7.91 -9.50 -21.60
N THR A 87 8.07 -10.28 -22.67
CA THR A 87 8.74 -11.57 -22.59
C THR A 87 9.72 -11.65 -23.75
N PRO A 88 10.91 -12.23 -23.50
CA PRO A 88 11.85 -12.40 -24.60
C PRO A 88 11.48 -13.53 -25.56
N GLN A 89 10.57 -14.41 -25.14
CA GLN A 89 10.14 -15.51 -26.00
C GLN A 89 9.19 -15.01 -27.10
N LYS A 90 9.22 -15.68 -28.26
CA LYS A 90 8.51 -15.18 -29.43
C LYS A 90 7.18 -15.88 -29.73
N THR A 91 6.89 -16.97 -29.02
CA THR A 91 5.63 -17.68 -29.23
C THR A 91 5.03 -18.21 -27.93
N LEU A 92 3.74 -18.47 -27.96
CA LEU A 92 3.06 -19.08 -26.82
C LEU A 92 3.74 -20.39 -26.43
N GLU A 93 4.13 -21.15 -27.44
CA GLU A 93 4.72 -22.48 -27.23
C GLU A 93 5.98 -22.44 -26.35
N GLU A 94 6.81 -21.43 -26.53
CA GLU A 94 8.04 -21.31 -25.75
C GLU A 94 7.95 -20.22 -24.68
N PHE A 95 6.82 -19.50 -24.68
CA PHE A 95 6.56 -18.48 -23.67
C PHE A 95 6.84 -19.04 -22.27
N GLN A 96 7.74 -18.40 -21.54
CA GLN A 96 8.14 -18.90 -20.24
C GLN A 96 8.37 -17.80 -19.20
N ASP A 97 9.04 -16.72 -19.61
CA ASP A 97 9.44 -15.66 -18.69
C ASP A 97 8.59 -14.40 -18.84
N VAL A 98 8.19 -13.82 -17.72
CA VAL A 98 7.41 -12.58 -17.71
C VAL A 98 8.15 -11.49 -16.94
N TYR A 99 8.34 -10.34 -17.57
CA TYR A 99 9.01 -9.22 -16.93
C TYR A 99 8.07 -8.04 -16.75
N LEU A 100 8.01 -7.52 -15.51
CA LEU A 100 7.19 -6.36 -15.21
C LEU A 100 8.08 -5.15 -14.95
N VAL A 101 7.74 -4.01 -15.54
CA VAL A 101 8.51 -2.79 -15.36
C VAL A 101 7.66 -1.70 -14.70
N MET A 102 8.15 -1.15 -13.58
CA MET A 102 7.46 -0.06 -12.90
C MET A 102 8.42 1.04 -12.47
N GLU A 103 7.88 2.14 -11.95
CA GLU A 103 8.71 3.27 -11.55
C GLU A 103 9.65 2.88 -10.43
N LEU A 104 10.87 3.38 -10.48
CA LEU A 104 11.79 3.23 -9.36
C LEU A 104 11.66 4.43 -8.44
N MET A 105 11.24 4.20 -7.21
CA MET A 105 11.14 5.26 -6.22
C MET A 105 12.39 5.28 -5.34
N ASP A 106 12.55 6.30 -4.51
CA ASP A 106 13.79 6.49 -3.76
C ASP A 106 13.85 5.71 -2.44
N ALA A 107 12.70 5.60 -1.77
CA ALA A 107 12.64 4.94 -0.46
C ALA A 107 11.21 4.70 -0.02
N ASN A 108 11.03 3.90 1.03
CA ASN A 108 9.71 3.74 1.62
C ASN A 108 9.50 4.74 2.76
N LEU A 109 8.37 4.64 3.45
CA LEU A 109 8.02 5.64 4.47
C LEU A 109 8.69 5.44 5.82
N CYS A 110 9.30 4.27 6.03
CA CYS A 110 9.81 3.91 7.35
C CYS A 110 10.67 4.99 8.01
N GLN A 111 11.66 5.50 7.29
CA GLN A 111 12.57 6.47 7.88
C GLN A 111 12.07 7.91 7.82
N VAL A 112 11.38 8.25 6.73
CA VAL A 112 10.70 9.53 6.63
C VAL A 112 9.86 9.78 7.88
N ILE A 113 9.21 8.71 8.33
CA ILE A 113 8.32 8.73 9.49
C ILE A 113 9.02 9.11 10.79
N GLN A 114 10.26 8.69 10.94
CA GLN A 114 10.99 8.87 12.20
C GLN A 114 11.56 10.28 12.36
N MET A 115 11.50 11.06 11.29
CA MET A 115 12.10 12.39 11.31
C MET A 115 11.05 13.49 11.46
N GLU A 116 11.51 14.67 11.87
CA GLU A 116 10.61 15.81 12.05
C GLU A 116 10.05 16.28 10.72
N LEU A 117 8.73 16.44 10.67
CA LEU A 117 8.06 16.93 9.48
C LEU A 117 7.17 18.11 9.81
N ASP A 118 7.23 19.15 8.98
CA ASP A 118 6.31 20.27 9.09
C ASP A 118 4.91 19.82 8.69
N HIS A 119 3.90 20.58 9.08
CA HIS A 119 2.52 20.25 8.76
C HIS A 119 2.30 20.13 7.24
N GLU A 120 2.98 20.97 6.46
CA GLU A 120 2.82 20.94 5.01
C GLU A 120 3.19 19.59 4.40
N ARG A 121 4.38 19.09 4.72
CA ARG A 121 4.80 17.79 4.21
C ARG A 121 3.96 16.66 4.78
N MET A 122 3.62 16.74 6.06
CA MET A 122 2.78 15.73 6.68
C MET A 122 1.43 15.60 5.98
N SER A 123 0.73 16.72 5.85
CA SER A 123 -0.61 16.71 5.25
C SER A 123 -0.57 16.38 3.77
N TYR A 124 0.45 16.86 3.08
CA TYR A 124 0.57 16.61 1.64
C TYR A 124 0.85 15.14 1.34
N LEU A 125 1.71 14.51 2.13
CA LEU A 125 1.96 13.08 2.01
C LEU A 125 0.69 12.27 2.28
N LEU A 126 -0.07 12.68 3.30
CA LEU A 126 -1.30 11.99 3.66
C LEU A 126 -2.37 12.21 2.58
N TYR A 127 -2.43 13.43 2.06
CA TYR A 127 -3.33 13.73 0.95
C TYR A 127 -3.07 12.80 -0.23
N GLN A 128 -1.80 12.67 -0.61
CA GLN A 128 -1.42 11.76 -1.69
C GLN A 128 -1.81 10.32 -1.39
N MET A 129 -1.61 9.90 -0.14
CA MET A 129 -2.02 8.57 0.27
C MET A 129 -3.51 8.36 0.06
N LEU A 130 -4.30 9.30 0.56
CA LEU A 130 -5.76 9.21 0.45
C LEU A 130 -6.23 9.26 -1.00
N CYS A 131 -5.52 9.99 -1.86
CA CYS A 131 -5.84 10.02 -3.28
C CYS A 131 -5.65 8.64 -3.90
N GLY A 132 -4.50 8.03 -3.62
CA GLY A 132 -4.21 6.71 -4.14
C GLY A 132 -5.23 5.70 -3.65
N ILE A 133 -5.54 5.77 -2.36
CA ILE A 133 -6.50 4.86 -1.74
C ILE A 133 -7.89 4.98 -2.37
N LYS A 134 -8.35 6.20 -2.59
CA LYS A 134 -9.67 6.42 -3.18
C LYS A 134 -9.73 5.82 -4.58
N HIS A 135 -8.66 5.99 -5.34
CA HIS A 135 -8.58 5.46 -6.69
C HIS A 135 -8.66 3.94 -6.65
N LEU A 136 -7.91 3.33 -5.73
CA LEU A 136 -7.95 1.89 -5.54
C LEU A 136 -9.37 1.42 -5.25
N HIS A 137 -10.03 2.10 -4.31
CA HIS A 137 -11.39 1.74 -3.93
C HIS A 137 -12.37 1.84 -5.09
N SER A 138 -12.25 2.93 -5.87
CA SER A 138 -13.12 3.12 -7.02
C SER A 138 -12.90 2.01 -8.04
N ALA A 139 -11.70 1.43 -8.03
CA ALA A 139 -11.35 0.36 -8.94
C ALA A 139 -11.76 -1.00 -8.37
N GLY A 140 -12.49 -0.97 -7.26
CA GLY A 140 -12.95 -2.20 -6.62
C GLY A 140 -11.84 -2.94 -5.91
N ILE A 141 -10.84 -2.21 -5.43
CA ILE A 141 -9.69 -2.78 -4.76
C ILE A 141 -9.50 -2.19 -3.38
N ILE A 142 -9.73 -2.99 -2.35
CA ILE A 142 -9.47 -2.56 -0.98
C ILE A 142 -8.14 -3.14 -0.52
N HIS A 143 -7.21 -2.27 -0.13
CA HIS A 143 -5.83 -2.68 0.15
C HIS A 143 -5.73 -3.61 1.36
N ARG A 144 -6.12 -3.10 2.53
CA ARG A 144 -6.18 -3.88 3.77
C ARG A 144 -4.82 -4.12 4.44
N ASP A 145 -3.72 -3.90 3.71
CA ASP A 145 -2.39 -4.19 4.23
CA ASP A 145 -2.40 -4.18 4.24
C ASP A 145 -1.45 -2.99 4.16
N LEU A 146 -2.01 -1.78 4.17
CA LEU A 146 -1.20 -0.56 4.07
C LEU A 146 -0.24 -0.39 5.25
N LYS A 147 1.01 -0.07 4.94
CA LYS A 147 2.01 0.18 5.97
C LYS A 147 3.20 0.96 5.42
N PRO A 148 4.05 1.49 6.31
CA PRO A 148 5.20 2.30 5.86
C PRO A 148 6.07 1.62 4.80
N SER A 149 6.21 0.30 4.86
CA SER A 149 7.11 -0.39 3.94
C SER A 149 6.52 -0.61 2.54
N ASN A 150 5.21 -0.48 2.39
CA ASN A 150 4.62 -0.60 1.06
C ASN A 150 4.06 0.73 0.54
N ILE A 151 4.55 1.82 1.10
CA ILE A 151 4.29 3.15 0.57
C ILE A 151 5.63 3.83 0.29
N VAL A 152 5.87 4.21 -0.95
CA VAL A 152 7.18 4.71 -1.34
C VAL A 152 7.16 6.16 -1.81
N VAL A 153 8.31 6.83 -1.69
CA VAL A 153 8.40 8.25 -1.99
C VAL A 153 9.68 8.59 -2.73
N LYS A 154 9.72 9.80 -3.30
CA LYS A 154 10.93 10.33 -3.92
C LYS A 154 11.35 11.62 -3.21
N SER A 155 12.55 12.10 -3.50
CA SER A 155 13.07 13.29 -2.85
C SER A 155 12.32 14.55 -3.23
N ASP A 156 11.41 14.45 -4.20
CA ASP A 156 10.59 15.59 -4.60
C ASP A 156 9.25 15.61 -3.86
N CYS A 157 9.15 14.76 -2.83
CA CYS A 157 7.98 14.69 -1.96
C CYS A 157 6.76 14.04 -2.62
N THR A 158 6.98 13.32 -3.71
CA THR A 158 5.91 12.56 -4.33
C THR A 158 5.81 11.18 -3.67
N LEU A 159 4.61 10.60 -3.73
CA LEU A 159 4.33 9.35 -3.03
C LEU A 159 3.50 8.40 -3.88
N LYS A 160 3.82 7.11 -3.81
CA LYS A 160 3.05 6.08 -4.50
C LYS A 160 2.81 4.87 -3.60
N ILE A 161 1.66 4.23 -3.80
CA ILE A 161 1.34 2.98 -3.10
C ILE A 161 1.64 1.81 -4.01
N LEU A 162 2.10 0.71 -3.43
CA LEU A 162 2.19 -0.57 -4.15
C LEU A 162 1.67 -1.69 -3.28
N ASP A 163 1.65 -2.91 -3.83
CA ASP A 163 1.23 -4.09 -3.06
C ASP A 163 -0.26 -4.08 -2.69
N PHE A 164 -1.13 -4.00 -3.70
CA PHE A 164 -2.59 -3.94 -3.49
C PHE A 164 -3.12 -5.00 -2.52
N GLY A 165 -2.37 -5.26 -1.44
CA GLY A 165 -2.76 -6.22 -0.42
C GLY A 165 -2.41 -7.65 -0.80
N THR A 177 12.83 -3.35 2.83
CA THR A 177 14.15 -2.85 3.19
C THR A 177 14.16 -1.31 3.22
N PRO A 178 13.88 -0.73 4.40
CA PRO A 178 13.57 -1.46 5.64
C PRO A 178 12.25 -2.21 5.54
N TYR A 179 12.06 -3.19 6.41
CA TYR A 179 10.86 -4.01 6.39
C TYR A 179 10.09 -3.96 7.69
N VAL A 180 8.79 -3.72 7.59
CA VAL A 180 7.91 -3.72 8.75
C VAL A 180 6.76 -4.69 8.52
N VAL A 181 6.57 -5.61 9.46
CA VAL A 181 5.46 -6.55 9.35
C VAL A 181 4.16 -5.78 9.32
N THR A 182 3.21 -6.24 8.51
CA THR A 182 1.84 -5.77 8.66
C THR A 182 1.47 -6.21 10.07
N ARG A 183 0.18 -6.14 10.40
CA ARG A 183 -0.28 -6.42 11.76
C ARG A 183 -0.38 -5.13 12.56
N TYR A 184 0.76 -4.49 12.83
CA TYR A 184 0.79 -3.24 13.59
C TYR A 184 -0.19 -2.23 13.01
N TYR A 185 -0.40 -2.30 11.70
CA TYR A 185 -1.16 -1.30 10.98
C TYR A 185 -2.53 -1.81 10.52
N ARG A 186 -2.84 -3.06 10.82
CA ARG A 186 -4.11 -3.65 10.41
C ARG A 186 -5.28 -3.22 11.29
N ALA A 187 -6.43 -2.98 10.68
CA ALA A 187 -7.62 -2.53 11.38
C ALA A 187 -8.14 -3.60 12.34
N PRO A 188 -8.83 -3.16 13.41
CA PRO A 188 -9.41 -4.07 14.41
C PRO A 188 -10.33 -5.12 13.78
N GLU A 189 -11.21 -4.70 12.87
CA GLU A 189 -12.13 -5.63 12.24
C GLU A 189 -11.36 -6.78 11.56
N VAL A 190 -10.14 -6.49 11.12
CA VAL A 190 -9.30 -7.52 10.50
C VAL A 190 -8.70 -8.46 11.53
N ILE A 191 -8.11 -7.91 12.58
CA ILE A 191 -7.46 -8.74 13.59
C ILE A 191 -8.47 -9.57 14.39
N LEU A 192 -9.70 -9.07 14.49
CA LEU A 192 -10.75 -9.79 15.20
C LEU A 192 -11.61 -10.64 14.25
N GLY A 193 -11.29 -10.57 12.96
CA GLY A 193 -11.98 -11.37 11.96
C GLY A 193 -13.46 -11.06 11.83
N MET A 194 -13.79 -9.78 11.63
CA MET A 194 -15.19 -9.33 11.55
C MET A 194 -15.65 -9.07 10.14
N GLY A 195 -14.74 -9.07 9.17
CA GLY A 195 -15.06 -8.61 7.84
C GLY A 195 -14.84 -7.11 7.80
N TYR A 196 -14.74 -6.55 6.60
CA TYR A 196 -14.33 -5.16 6.45
C TYR A 196 -14.94 -4.51 5.21
N LYS A 197 -14.85 -3.19 5.15
CA LYS A 197 -15.25 -2.43 3.97
C LYS A 197 -14.13 -1.44 3.64
N GLU A 198 -14.43 -0.48 2.76
CA GLU A 198 -13.45 0.51 2.32
C GLU A 198 -12.66 1.15 3.46
N ASN A 199 -13.35 1.58 4.52
CA ASN A 199 -12.68 2.33 5.57
C ASN A 199 -11.72 1.51 6.45
N VAL A 200 -11.55 0.23 6.12
CA VAL A 200 -10.52 -0.57 6.75
C VAL A 200 -9.14 0.08 6.49
N ASP A 201 -9.00 0.71 5.32
CA ASP A 201 -7.74 1.33 4.93
C ASP A 201 -7.48 2.63 5.68
N ILE A 202 -8.54 3.25 6.19
CA ILE A 202 -8.43 4.50 6.95
C ILE A 202 -7.74 4.28 8.29
N TRP A 203 -8.01 3.15 8.93
CA TRP A 203 -7.34 2.82 10.18
C TRP A 203 -5.84 2.79 9.96
N SER A 204 -5.41 2.13 8.88
CA SER A 204 -3.99 2.03 8.57
C SER A 204 -3.38 3.42 8.37
N VAL A 205 -4.09 4.29 7.66
CA VAL A 205 -3.61 5.66 7.45
C VAL A 205 -3.47 6.35 8.81
N GLY A 206 -4.43 6.10 9.68
CA GLY A 206 -4.41 6.65 11.03
C GLY A 206 -3.19 6.20 11.83
N CYS A 207 -2.86 4.92 11.74
CA CYS A 207 -1.67 4.41 12.41
C CYS A 207 -0.40 5.06 11.87
N ILE A 208 -0.35 5.25 10.56
CA ILE A 208 0.81 5.87 9.92
C ILE A 208 0.92 7.35 10.28
N MET A 209 -0.21 8.06 10.27
CA MET A 209 -0.22 9.46 10.66
C MET A 209 0.22 9.60 12.11
N GLY A 210 -0.29 8.73 12.97
CA GLY A 210 0.02 8.79 14.39
C GLY A 210 1.49 8.55 14.64
N GLU A 211 2.10 7.72 13.80
CA GLU A 211 3.52 7.41 13.91
C GLU A 211 4.39 8.54 13.35
N MET A 212 3.91 9.24 12.33
CA MET A 212 4.61 10.40 11.80
C MET A 212 4.71 11.44 12.90
N VAL A 213 3.68 11.49 13.74
CA VAL A 213 3.58 12.50 14.78
C VAL A 213 4.48 12.22 15.98
N ARG A 214 4.72 10.96 16.29
CA ARG A 214 5.59 10.66 17.43
C ARG A 214 6.73 9.68 17.21
N HIS A 215 6.91 9.24 15.96
CA HIS A 215 8.09 8.46 15.61
C HIS A 215 8.18 7.18 16.42
N LYS A 216 7.02 6.63 16.75
CA LYS A 216 6.93 5.34 17.40
C LYS A 216 5.68 4.60 16.93
N ILE A 217 5.79 3.28 16.79
CA ILE A 217 4.66 2.48 16.38
C ILE A 217 3.55 2.59 17.42
N LEU A 218 2.35 2.96 16.97
CA LEU A 218 1.23 3.14 17.89
C LEU A 218 0.88 1.84 18.61
N PHE A 219 0.71 0.77 17.85
CA PHE A 219 0.20 -0.47 18.41
C PHE A 219 1.09 -1.67 18.10
N PRO A 220 2.26 -1.73 18.76
CA PRO A 220 3.19 -2.85 18.55
C PRO A 220 2.83 -4.02 19.45
N GLY A 221 2.59 -5.18 18.85
CA GLY A 221 2.29 -6.38 19.61
C GLY A 221 3.03 -7.59 19.06
N ARG A 222 3.48 -8.47 19.95
CA ARG A 222 4.16 -9.69 19.53
C ARG A 222 3.26 -10.46 18.58
N ASP A 223 1.95 -10.37 18.81
CA ASP A 223 0.98 -11.09 18.01
C ASP A 223 -0.37 -10.38 18.10
N TYR A 224 -1.34 -10.82 17.30
CA TYR A 224 -2.66 -10.19 17.30
C TYR A 224 -3.22 -9.94 18.70
N ILE A 225 -3.17 -10.95 19.56
CA ILE A 225 -3.73 -10.83 20.91
C ILE A 225 -3.15 -9.63 21.65
N ASP A 226 -1.84 -9.47 21.59
CA ASP A 226 -1.16 -8.39 22.30
C ASP A 226 -1.44 -7.07 21.59
N GLN A 227 -1.65 -7.15 20.28
CA GLN A 227 -2.02 -5.99 19.50
C GLN A 227 -3.31 -5.39 20.04
N TRP A 228 -4.33 -6.23 20.15
CA TRP A 228 -5.63 -5.77 20.66
C TRP A 228 -5.46 -5.04 21.98
N ASN A 229 -4.58 -5.54 22.82
CA ASN A 229 -4.35 -4.93 24.13
C ASN A 229 -3.81 -3.51 24.05
N LYS A 230 -2.81 -3.30 23.18
CA LYS A 230 -2.24 -1.97 22.99
C LYS A 230 -3.32 -1.02 22.47
N VAL A 231 -4.22 -1.55 21.67
CA VAL A 231 -5.31 -0.76 21.12
C VAL A 231 -6.28 -0.28 22.18
N ILE A 232 -6.73 -1.20 23.04
CA ILE A 232 -7.71 -0.84 24.07
C ILE A 232 -7.08 -0.01 25.18
N GLU A 233 -5.80 -0.29 25.49
CA GLU A 233 -5.10 0.47 26.52
C GLU A 233 -5.08 1.97 26.19
N GLN A 234 -4.99 2.28 24.90
CA GLN A 234 -4.82 3.66 24.48
C GLN A 234 -6.13 4.31 24.04
N LEU A 235 -7.00 3.53 23.40
CA LEU A 235 -8.23 4.05 22.80
C LEU A 235 -9.47 3.72 23.61
N GLY A 236 -9.36 2.72 24.49
CA GLY A 236 -10.48 2.34 25.32
C GLY A 236 -11.24 1.14 24.80
N THR A 237 -11.87 0.41 25.71
CA THR A 237 -12.71 -0.73 25.38
C THR A 237 -13.90 -0.26 24.54
N PRO A 238 -14.18 -0.97 23.43
CA PRO A 238 -15.28 -0.59 22.52
C PRO A 238 -16.65 -0.82 23.17
N CYS A 239 -17.68 -0.26 22.57
CA CYS A 239 -19.04 -0.38 23.10
C CYS A 239 -19.59 -1.81 22.95
N PRO A 240 -20.62 -2.15 23.73
CA PRO A 240 -21.28 -3.46 23.64
C PRO A 240 -21.78 -3.76 22.23
N GLU A 241 -22.38 -2.77 21.58
CA GLU A 241 -22.95 -2.97 20.25
C GLU A 241 -21.87 -3.40 19.24
N PHE A 242 -20.62 -3.10 19.54
CA PHE A 242 -19.51 -3.52 18.71
C PHE A 242 -19.15 -4.96 19.02
N MET A 243 -19.04 -5.27 20.31
CA MET A 243 -18.65 -6.60 20.75
C MET A 243 -19.71 -7.65 20.40
N LYS A 244 -20.91 -7.19 20.05
CA LYS A 244 -21.97 -8.09 19.62
C LYS A 244 -21.71 -8.60 18.20
N LYS A 245 -21.01 -7.80 17.41
CA LYS A 245 -20.67 -8.17 16.04
C LYS A 245 -19.59 -9.24 16.01
N LEU A 246 -19.06 -9.56 17.19
CA LEU A 246 -17.96 -10.52 17.29
C LEU A 246 -18.45 -11.96 17.31
N GLN A 247 -17.68 -12.85 16.70
CA GLN A 247 -17.93 -14.28 16.80
C GLN A 247 -17.75 -14.69 18.25
N PRO A 248 -18.58 -15.65 18.72
CA PRO A 248 -18.61 -16.04 20.13
C PRO A 248 -17.23 -16.30 20.75
N THR A 249 -16.38 -17.02 20.04
CA THR A 249 -15.04 -17.32 20.58
C THR A 249 -14.20 -16.07 20.79
N VAL A 250 -14.24 -15.15 19.81
CA VAL A 250 -13.53 -13.89 19.92
C VAL A 250 -14.18 -13.02 20.99
N ARG A 251 -15.50 -13.02 21.03
CA ARG A 251 -16.25 -12.24 21.99
C ARG A 251 -15.92 -12.67 23.42
N ASN A 252 -15.84 -13.98 23.62
CA ASN A 252 -15.54 -14.51 24.95
C ASN A 252 -14.23 -13.94 25.48
N TYR A 253 -13.22 -13.85 24.61
CA TYR A 253 -11.95 -13.28 25.02
C TYR A 253 -12.05 -11.77 25.24
N VAL A 254 -12.50 -11.06 24.21
CA VAL A 254 -12.53 -9.60 24.23
C VAL A 254 -13.40 -9.02 25.34
N GLU A 255 -14.58 -9.60 25.52
CA GLU A 255 -15.57 -9.07 26.47
C GLU A 255 -15.13 -9.23 27.92
N ASN A 256 -14.10 -10.04 28.14
CA ASN A 256 -13.70 -10.37 29.52
C ASN A 256 -12.30 -9.88 29.88
N ARG A 257 -11.82 -8.89 29.15
CA ARG A 257 -10.58 -8.20 29.47
C ARG A 257 -10.90 -7.12 30.49
N PRO A 258 -9.88 -6.62 31.20
CA PRO A 258 -10.09 -5.43 32.03
C PRO A 258 -10.65 -4.29 31.17
N LYS A 259 -11.39 -3.38 31.78
CA LYS A 259 -12.04 -2.30 31.03
C LYS A 259 -11.20 -1.03 30.99
N TYR A 260 -10.96 -0.51 29.79
CA TYR A 260 -10.19 0.72 29.62
C TYR A 260 -11.04 1.87 29.10
N ALA A 261 -10.89 3.03 29.73
CA ALA A 261 -11.64 4.23 29.34
C ALA A 261 -11.03 4.83 28.08
N GLY A 262 -9.74 4.59 27.88
CA GLY A 262 -9.03 5.19 26.75
C GLY A 262 -8.50 6.56 27.12
N LEU A 263 -7.35 6.91 26.56
CA LEU A 263 -6.77 8.22 26.81
C LEU A 263 -7.29 9.21 25.78
N THR A 264 -7.54 10.45 26.20
CA THR A 264 -8.02 11.46 25.28
C THR A 264 -6.96 11.73 24.21
N PHE A 265 -7.39 12.22 23.05
CA PHE A 265 -6.45 12.48 21.97
C PHE A 265 -5.46 13.62 22.27
N PRO A 266 -5.89 14.64 23.02
CA PRO A 266 -4.91 15.64 23.46
C PRO A 266 -3.79 14.99 24.27
N LYS A 267 -4.11 13.94 25.01
CA LYS A 267 -3.11 13.23 25.81
C LYS A 267 -2.29 12.26 24.95
N LEU A 268 -2.93 11.65 23.96
CA LEU A 268 -2.26 10.70 23.08
C LEU A 268 -1.29 11.43 22.15
N PHE A 269 -1.67 12.62 21.71
CA PHE A 269 -0.84 13.42 20.80
C PHE A 269 -0.78 14.88 21.24
N PRO A 270 -0.03 15.16 22.31
CA PRO A 270 0.05 16.51 22.87
C PRO A 270 0.72 17.52 21.92
N ASP A 271 0.50 18.81 22.17
CA ASP A 271 1.07 19.87 21.34
C ASP A 271 2.58 19.76 21.21
N SER A 272 3.24 19.29 22.26
CA SER A 272 4.69 19.24 22.29
C SER A 272 5.24 18.44 21.11
N LEU A 273 4.44 17.51 20.60
CA LEU A 273 4.87 16.69 19.48
C LEU A 273 4.73 17.42 18.14
N PHE A 274 4.00 18.53 18.16
CA PHE A 274 3.75 19.30 16.95
C PHE A 274 4.61 20.55 16.88
N PRO A 275 4.79 21.12 15.66
CA PRO A 275 5.50 22.41 15.49
C PRO A 275 4.75 23.56 16.15
N ASN A 281 1.34 26.73 13.63
CA ASN A 281 -0.02 27.01 14.09
C ASN A 281 -0.49 26.05 15.16
N LYS A 282 -1.11 26.59 16.21
CA LYS A 282 -1.78 25.77 17.20
C LYS A 282 -3.05 25.22 16.55
N LEU A 283 -3.45 25.90 15.48
CA LEU A 283 -4.61 25.50 14.68
C LEU A 283 -4.32 24.18 13.98
N LYS A 284 -3.20 24.12 13.26
CA LYS A 284 -2.81 22.92 12.52
C LYS A 284 -2.68 21.71 13.45
N ALA A 285 -2.16 21.92 14.65
CA ALA A 285 -2.05 20.86 15.63
C ALA A 285 -3.44 20.34 16.02
N SER A 286 -4.36 21.25 16.33
CA SER A 286 -5.70 20.84 16.71
C SER A 286 -6.40 20.11 15.57
N GLN A 287 -6.12 20.53 14.35
CA GLN A 287 -6.71 19.89 13.16
C GLN A 287 -6.16 18.49 12.94
N ALA A 288 -4.85 18.33 13.05
CA ALA A 288 -4.24 17.00 12.90
C ALA A 288 -4.81 16.04 13.92
N ARG A 289 -4.98 16.54 15.15
CA ARG A 289 -5.46 15.73 16.25
C ARG A 289 -6.93 15.37 16.06
N ASP A 290 -7.69 16.28 15.47
CA ASP A 290 -9.10 16.02 15.19
C ASP A 290 -9.21 14.92 14.14
N LEU A 291 -8.38 15.00 13.10
CA LEU A 291 -8.37 13.97 12.06
C LEU A 291 -7.97 12.61 12.63
N LEU A 292 -6.94 12.58 13.47
CA LEU A 292 -6.52 11.34 14.13
C LEU A 292 -7.66 10.74 14.95
N SER A 293 -8.38 11.58 15.68
CA SER A 293 -9.48 11.11 16.52
C SER A 293 -10.61 10.51 15.70
N LYS A 294 -10.61 10.80 14.39
CA LYS A 294 -11.67 10.29 13.52
C LYS A 294 -11.24 9.07 12.70
N MET A 295 -9.92 8.93 12.52
CA MET A 295 -9.37 7.77 11.82
C MET A 295 -9.12 6.61 12.77
N LEU A 296 -8.55 6.92 13.93
CA LEU A 296 -8.21 5.89 14.91
C LEU A 296 -9.43 5.55 15.76
N VAL A 297 -10.41 4.94 15.11
CA VAL A 297 -11.67 4.58 15.73
C VAL A 297 -11.88 3.08 15.54
N ILE A 298 -11.98 2.37 16.66
CA ILE A 298 -12.07 0.91 16.63
C ILE A 298 -13.25 0.43 15.78
N ASP A 299 -14.44 0.94 16.07
CA ASP A 299 -15.65 0.50 15.39
C ASP A 299 -15.72 1.12 14.00
N PRO A 300 -15.58 0.30 12.95
CA PRO A 300 -15.56 0.78 11.57
C PRO A 300 -16.84 1.53 11.21
N ALA A 301 -17.92 1.26 11.93
CA ALA A 301 -19.20 1.93 11.68
C ALA A 301 -19.13 3.40 12.08
N LYS A 302 -18.15 3.74 12.92
CA LYS A 302 -18.01 5.10 13.41
C LYS A 302 -16.74 5.78 12.89
N ARG A 303 -15.98 5.06 12.06
CA ARG A 303 -14.72 5.57 11.53
C ARG A 303 -14.96 6.46 10.32
N ILE A 304 -14.14 7.50 10.16
CA ILE A 304 -14.29 8.42 9.04
C ILE A 304 -14.03 7.73 7.70
N SER A 305 -14.78 8.13 6.69
CA SER A 305 -14.61 7.57 5.35
C SER A 305 -13.44 8.24 4.63
N VAL A 306 -13.02 7.64 3.52
CA VAL A 306 -11.99 8.24 2.67
C VAL A 306 -12.41 9.62 2.15
N ASP A 307 -13.63 9.71 1.63
CA ASP A 307 -14.10 10.99 1.08
C ASP A 307 -14.11 12.07 2.14
N ASP A 308 -14.53 11.71 3.36
CA ASP A 308 -14.58 12.68 4.44
C ASP A 308 -13.18 13.07 4.93
N ALA A 309 -12.25 12.11 4.92
CA ALA A 309 -10.87 12.40 5.30
C ALA A 309 -10.25 13.39 4.32
N LEU A 310 -10.52 13.19 3.04
CA LEU A 310 -10.01 14.09 2.00
C LEU A 310 -10.56 15.51 2.17
N GLN A 311 -11.80 15.62 2.63
CA GLN A 311 -12.43 16.92 2.80
C GLN A 311 -12.09 17.59 4.14
N HIS A 312 -11.40 16.86 5.01
CA HIS A 312 -11.03 17.40 6.31
C HIS A 312 -10.08 18.58 6.15
N PRO A 313 -10.27 19.64 6.95
CA PRO A 313 -9.47 20.86 6.81
C PRO A 313 -7.96 20.60 6.78
N TYR A 314 -7.50 19.61 7.54
CA TYR A 314 -6.08 19.31 7.58
C TYR A 314 -5.58 18.84 6.21
N ILE A 315 -6.47 18.23 5.45
CA ILE A 315 -6.11 17.62 4.18
C ILE A 315 -6.56 18.45 2.98
N ASN A 316 -7.71 19.12 3.11
CA ASN A 316 -8.38 19.73 1.97
C ASN A 316 -7.62 20.87 1.33
N VAL A 317 -6.62 21.39 2.04
CA VAL A 317 -5.80 22.48 1.54
C VAL A 317 -5.21 22.15 0.17
N TRP A 318 -4.91 20.87 -0.05
CA TRP A 318 -4.22 20.43 -1.26
C TRP A 318 -5.17 20.00 -2.38
N TYR A 319 -6.46 20.03 -2.11
CA TYR A 319 -7.47 19.51 -3.05
C TYR A 319 -7.24 19.89 -4.50
N ASP A 320 -7.37 18.89 -5.37
CA ASP A 320 -7.34 19.11 -6.82
C ASP A 320 -8.28 18.10 -7.48
N PRO A 321 -9.34 18.61 -8.11
CA PRO A 321 -10.38 17.76 -8.72
C PRO A 321 -9.79 16.64 -9.56
N ALA A 322 -8.73 16.95 -10.31
CA ALA A 322 -8.14 15.98 -11.23
C ALA A 322 -7.47 14.83 -10.49
N GLU A 323 -7.01 15.08 -9.27
CA GLU A 323 -6.31 14.08 -8.48
C GLU A 323 -7.25 13.24 -7.64
N VAL A 324 -8.38 13.83 -7.24
CA VAL A 324 -9.32 13.16 -6.35
C VAL A 324 -10.41 12.40 -7.10
N GLU A 325 -10.91 13.01 -8.17
CA GLU A 325 -12.10 12.51 -8.85
C GLU A 325 -11.78 11.74 -10.14
N ALA A 326 -10.51 11.45 -10.37
CA ALA A 326 -10.10 10.72 -11.57
C ALA A 326 -10.53 9.26 -11.51
N PRO A 327 -11.47 8.87 -12.38
CA PRO A 327 -11.99 7.50 -12.43
C PRO A 327 -10.94 6.52 -12.96
N PRO A 328 -10.90 5.31 -12.39
CA PRO A 328 -9.97 4.26 -12.85
C PRO A 328 -10.40 3.71 -14.21
N PRO A 329 -9.44 3.22 -15.00
CA PRO A 329 -9.70 2.68 -16.34
C PRO A 329 -10.55 1.41 -16.31
N GLN A 330 -10.58 0.74 -15.16
CA GLN A 330 -11.32 -0.51 -15.03
C GLN A 330 -11.76 -0.74 -13.59
N ILE A 331 -12.81 -1.54 -13.44
CA ILE A 331 -13.19 -2.05 -12.13
C ILE A 331 -12.82 -3.53 -12.04
N TYR A 332 -12.05 -3.89 -11.01
CA TYR A 332 -11.67 -5.27 -10.79
C TYR A 332 -12.90 -6.13 -10.56
N ASP A 333 -12.98 -7.24 -11.29
CA ASP A 333 -14.10 -8.16 -11.18
C ASP A 333 -13.76 -9.29 -10.21
N LYS A 334 -14.37 -9.24 -9.03
CA LYS A 334 -14.07 -10.20 -7.97
C LYS A 334 -14.37 -11.65 -8.35
N GLN A 335 -15.06 -11.84 -9.48
CA GLN A 335 -15.35 -13.18 -9.98
C GLN A 335 -14.06 -13.93 -10.30
N LEU A 336 -13.01 -13.18 -10.62
CA LEU A 336 -11.73 -13.79 -10.92
C LEU A 336 -11.19 -14.56 -9.72
N ASP A 337 -11.44 -14.04 -8.53
CA ASP A 337 -10.92 -14.63 -7.30
C ASP A 337 -11.32 -16.09 -7.10
N GLU A 338 -12.43 -16.49 -7.69
CA GLU A 338 -12.93 -17.86 -7.51
C GLU A 338 -12.76 -18.71 -8.78
N ARG A 339 -12.29 -18.09 -9.86
CA ARG A 339 -12.13 -18.78 -11.12
C ARG A 339 -10.92 -19.70 -11.11
N GLU A 340 -11.05 -20.86 -11.75
CA GLU A 340 -9.94 -21.79 -11.91
C GLU A 340 -9.69 -22.14 -13.37
N HIS A 341 -8.42 -22.37 -13.69
CA HIS A 341 -8.02 -22.81 -15.03
C HIS A 341 -6.85 -23.78 -14.92
N THR A 342 -6.61 -24.55 -15.97
CA THR A 342 -5.38 -25.34 -16.04
C THR A 342 -4.20 -24.40 -16.23
N ILE A 343 -2.99 -24.93 -16.09
CA ILE A 343 -1.80 -24.10 -16.24
C ILE A 343 -1.72 -23.49 -17.63
N GLU A 344 -1.96 -24.30 -18.66
CA GLU A 344 -1.88 -23.82 -20.02
C GLU A 344 -2.91 -22.74 -20.32
N GLU A 345 -4.09 -22.86 -19.73
CA GLU A 345 -5.15 -21.88 -19.92
C GLU A 345 -4.78 -20.54 -19.28
N TRP A 346 -4.31 -20.57 -18.04
CA TRP A 346 -3.79 -19.36 -17.42
C TRP A 346 -2.68 -18.75 -18.27
N LYS A 347 -1.79 -19.60 -18.76
CA LYS A 347 -0.63 -19.15 -19.52
C LYS A 347 -1.02 -18.42 -20.80
N GLU A 348 -2.04 -18.93 -21.49
CA GLU A 348 -2.51 -18.27 -22.70
C GLU A 348 -3.11 -16.91 -22.35
N LEU A 349 -3.86 -16.86 -21.25
CA LEU A 349 -4.43 -15.60 -20.78
C LEU A 349 -3.33 -14.59 -20.47
N ILE A 350 -2.28 -15.06 -19.80
CA ILE A 350 -1.16 -14.20 -19.44
C ILE A 350 -0.39 -13.76 -20.68
N TYR A 351 -0.17 -14.68 -21.60
CA TYR A 351 0.52 -14.36 -22.85
C TYR A 351 -0.21 -13.25 -23.59
N LYS A 352 -1.54 -13.33 -23.61
CA LYS A 352 -2.36 -12.34 -24.27
C LYS A 352 -2.19 -10.96 -23.63
N GLU A 353 -2.21 -10.92 -22.30
CA GLU A 353 -2.04 -9.67 -21.58
C GLU A 353 -0.66 -9.09 -21.85
N VAL A 354 0.35 -9.96 -21.86
CA VAL A 354 1.72 -9.54 -22.12
C VAL A 354 1.87 -8.95 -23.52
N MET A 355 1.35 -9.65 -24.52
CA MET A 355 1.51 -9.23 -25.91
C MET A 355 0.61 -8.06 -26.28
N ASN A 356 -0.22 -7.62 -25.35
CA ASN A 356 -1.09 -6.47 -25.56
C ASN A 356 -0.49 -5.20 -24.96
N PRO B 1 -1.45 27.65 0.10
CA PRO B 1 0.00 27.47 0.04
C PRO B 1 0.43 26.64 -1.16
N LYS B 2 1.71 26.74 -1.53
CA LYS B 2 2.25 25.91 -2.60
C LYS B 2 2.65 24.57 -2.03
N ARG B 3 2.68 23.54 -2.88
CA ARG B 3 3.00 22.18 -2.43
C ARG B 3 4.50 21.99 -2.23
N PRO B 4 4.88 21.19 -1.22
CA PRO B 4 6.29 20.90 -0.98
C PRO B 4 6.91 20.25 -2.22
N THR B 5 8.14 20.63 -2.53
CA THR B 5 8.83 20.09 -3.69
C THR B 5 10.08 19.31 -3.28
N THR B 6 10.39 19.33 -1.99
CA THR B 6 11.55 18.61 -1.49
C THR B 6 11.18 17.71 -0.31
N LEU B 7 11.85 16.56 -0.24
CA LEU B 7 11.68 15.63 0.86
C LEU B 7 13.03 15.00 1.20
N ASN B 8 13.56 15.32 2.38
CA ASN B 8 14.87 14.82 2.77
C ASN B 8 14.83 13.41 3.32
N LEU B 9 15.27 12.45 2.51
CA LEU B 9 15.30 11.05 2.90
C LEU B 9 16.48 10.76 3.81
N PHE B 10 17.41 11.71 3.89
CA PHE B 10 18.64 11.55 4.66
C PHE B 10 19.55 10.49 4.02
#